data_5TSL
#
_entry.id   5TSL
#
_cell.length_a   1
_cell.length_b   1
_cell.length_c   1
_cell.angle_alpha   90.00
_cell.angle_beta   90.00
_cell.angle_gamma   90.00
#
_symmetry.space_group_name_H-M   'P 1'
#
_entity_poly.entity_id   1
_entity_poly.type   'polypeptide(L)'
_entity_poly.pdbx_seq_one_letter_code
;GIPTELKPGTNQFLTTDDGVSAPILPGFHPTPPIHIPGEVHNLLEICRVETILEVNNLKTNETTPMQRLCFPVSVQSKTG
ELCAAFRADPGRDGPWQSTILGQLCRYYTQWSGSLEVTFMFAGSFMATGKMLIAYTPPGGNVPADRITAMLGTHVIWDFG
LQSSVTLVVPWISNTHYRAHARAGYFDYYTTGIITIWYQTNYVVPIGAPTTAYIVALAAAQDNFTMKLCKDTEDIEQTAN
IQ
;
_entity_poly.pdbx_strand_id   C
#
# COMPACT_ATOMS: atom_id res chain seq x y z
N GLY A 1 -26.79 38.71 -41.67
CA GLY A 1 -26.13 37.98 -40.54
C GLY A 1 -24.69 37.57 -40.82
N ILE A 2 -24.06 36.95 -39.83
CA ILE A 2 -22.67 36.48 -39.91
C ILE A 2 -22.55 35.14 -40.64
N PRO A 3 -21.78 35.09 -41.74
CA PRO A 3 -21.63 33.84 -42.48
C PRO A 3 -20.90 32.78 -41.67
N THR A 4 -21.61 31.70 -41.35
CA THR A 4 -21.01 30.61 -40.59
C THR A 4 -21.18 29.33 -41.39
N GLU A 5 -20.39 28.32 -41.04
CA GLU A 5 -20.44 27.01 -41.69
C GLU A 5 -20.34 25.97 -40.59
N LEU A 6 -21.38 25.15 -40.43
CA LEU A 6 -21.35 24.11 -39.41
C LEU A 6 -20.30 23.06 -39.82
N LYS A 7 -19.39 22.74 -38.89
CA LYS A 7 -18.33 21.76 -39.18
C LYS A 7 -18.69 20.41 -38.55
N PRO A 8 -18.02 19.32 -38.98
CA PRO A 8 -18.30 18.00 -38.42
C PRO A 8 -18.17 18.00 -36.89
N GLY A 9 -19.15 17.39 -36.22
CA GLY A 9 -19.11 17.34 -34.77
C GLY A 9 -20.26 18.17 -34.25
N THR A 10 -20.99 18.74 -35.18
CA THR A 10 -22.14 19.55 -34.83
C THR A 10 -23.19 18.58 -34.32
N ASN A 11 -23.98 19.02 -33.34
CA ASN A 11 -25.06 18.25 -32.74
C ASN A 11 -24.67 17.00 -31.95
N GLN A 12 -23.37 16.82 -31.72
CA GLN A 12 -22.97 15.64 -30.97
C GLN A 12 -22.82 15.95 -29.51
N PHE A 13 -23.07 14.92 -28.72
CA PHE A 13 -22.98 14.97 -27.28
C PHE A 13 -21.82 14.07 -26.90
N LEU A 14 -20.74 14.66 -26.39
CA LEU A 14 -19.56 13.92 -25.97
C LEU A 14 -19.58 13.92 -24.44
N THR A 15 -19.68 12.75 -23.81
CA THR A 15 -19.76 12.73 -22.35
C THR A 15 -18.60 13.41 -21.66
N THR A 16 -17.51 13.67 -22.38
CA THR A 16 -16.35 14.33 -21.78
C THR A 16 -16.18 15.76 -22.23
N ASP A 17 -17.12 16.26 -23.03
CA ASP A 17 -17.04 17.64 -23.49
C ASP A 17 -17.31 18.46 -22.23
N ASP A 18 -16.60 19.57 -22.11
CA ASP A 18 -16.74 20.43 -20.94
C ASP A 18 -17.34 21.76 -21.37
N GLY A 19 -18.65 21.81 -21.55
CA GLY A 19 -19.26 23.05 -21.96
C GLY A 19 -19.96 23.82 -20.88
N VAL A 20 -20.79 24.76 -21.31
CA VAL A 20 -21.57 25.60 -20.41
C VAL A 20 -23.04 25.45 -20.76
N SER A 21 -23.85 25.10 -19.77
CA SER A 21 -25.26 24.90 -19.99
C SER A 21 -26.04 26.05 -19.35
N ALA A 22 -27.28 26.22 -19.80
CA ALA A 22 -28.13 27.25 -19.25
C ALA A 22 -28.53 26.94 -17.81
N PRO A 23 -28.41 27.92 -16.91
CA PRO A 23 -28.76 27.75 -15.49
C PRO A 23 -30.26 27.57 -15.40
N ILE A 24 -30.67 26.43 -14.86
CA ILE A 24 -32.08 26.11 -14.74
C ILE A 24 -32.83 27.15 -13.90
N LEU A 25 -32.17 27.66 -12.87
CA LEU A 25 -32.75 28.65 -11.95
C LEU A 25 -31.85 29.87 -11.92
N PRO A 26 -32.08 30.82 -12.82
CA PRO A 26 -31.22 32.00 -12.82
C PRO A 26 -31.33 32.94 -11.62
N GLY A 27 -32.52 32.99 -10.99
CA GLY A 27 -32.67 33.90 -9.87
C GLY A 27 -32.19 33.41 -8.52
N PHE A 28 -31.87 32.13 -8.45
CA PHE A 28 -31.45 31.47 -7.22
C PHE A 28 -30.00 31.76 -6.81
N HIS A 29 -29.80 32.08 -5.54
CA HIS A 29 -28.47 32.36 -4.99
C HIS A 29 -28.21 31.22 -4.00
N PRO A 30 -27.43 30.22 -4.43
CA PRO A 30 -27.08 29.04 -3.63
C PRO A 30 -26.56 29.43 -2.27
N THR A 31 -26.91 28.64 -1.27
CA THR A 31 -26.46 28.91 0.08
C THR A 31 -24.94 29.05 0.04
N PRO A 32 -24.40 30.12 0.64
CA PRO A 32 -22.95 30.33 0.65
C PRO A 32 -22.20 29.32 1.54
N PRO A 33 -20.95 29.01 1.19
CA PRO A 33 -20.13 28.06 1.94
C PRO A 33 -19.48 28.62 3.18
N ILE A 34 -19.13 27.74 4.10
CA ILE A 34 -18.49 28.14 5.33
C ILE A 34 -17.23 27.31 5.44
N HIS A 35 -16.50 27.48 6.53
CA HIS A 35 -15.28 26.72 6.67
C HIS A 35 -15.50 25.37 7.32
N ILE A 36 -15.03 24.35 6.63
CA ILE A 36 -15.12 23.01 7.15
C ILE A 36 -13.70 22.51 7.08
N PRO A 37 -13.13 22.18 8.23
CA PRO A 37 -11.76 21.68 8.24
C PRO A 37 -11.63 20.36 7.49
N GLY A 38 -10.44 20.09 7.00
CA GLY A 38 -10.22 18.84 6.30
C GLY A 38 -10.65 18.80 4.84
N GLU A 39 -10.64 19.93 4.16
CA GLU A 39 -11.00 19.90 2.74
C GLU A 39 -9.88 19.19 1.99
N VAL A 40 -10.26 18.32 1.06
CA VAL A 40 -9.27 17.61 0.25
C VAL A 40 -9.28 18.19 -1.14
N HIS A 41 -8.09 18.35 -1.71
CA HIS A 41 -7.94 18.92 -3.04
C HIS A 41 -7.46 17.91 -4.07
N ASN A 42 -6.60 16.98 -3.65
CA ASN A 42 -6.07 15.96 -4.55
C ASN A 42 -6.02 14.61 -3.84
N LEU A 43 -6.41 13.55 -4.56
CA LEU A 43 -6.42 12.22 -3.99
C LEU A 43 -5.06 11.77 -3.43
N LEU A 44 -3.98 12.29 -3.97
CA LEU A 44 -2.64 11.92 -3.49
C LEU A 44 -2.46 12.30 -2.02
N GLU A 45 -3.25 13.26 -1.55
CA GLU A 45 -3.15 13.67 -0.15
C GLU A 45 -3.53 12.44 0.69
N ILE A 46 -4.53 11.70 0.21
CA ILE A 46 -4.99 10.51 0.89
C ILE A 46 -4.00 9.35 0.77
N CYS A 47 -3.34 9.24 -0.38
CA CYS A 47 -2.38 8.17 -0.62
C CYS A 47 -1.13 8.27 0.22
N ARG A 48 -0.87 9.45 0.77
CA ARG A 48 0.34 9.63 1.58
C ARG A 48 0.07 9.22 3.01
N VAL A 49 -1.14 8.72 3.25
CA VAL A 49 -1.52 8.28 4.58
C VAL A 49 -1.39 6.78 4.77
N GLU A 50 -0.65 6.43 5.80
CA GLU A 50 -0.41 5.04 6.14
C GLU A 50 -1.70 4.35 6.54
N THR A 51 -1.95 3.21 5.93
CA THR A 51 -3.13 2.41 6.21
C THR A 51 -2.60 1.00 6.49
N ILE A 52 -3.42 0.18 7.14
CA ILE A 52 -2.96 -1.16 7.51
C ILE A 52 -2.95 -2.19 6.39
N LEU A 53 -1.79 -2.84 6.22
CA LEU A 53 -1.61 -3.89 5.21
C LEU A 53 -2.04 -5.21 5.81
N GLU A 54 -2.81 -5.99 5.05
CA GLU A 54 -3.23 -7.29 5.51
C GLU A 54 -2.21 -8.32 5.03
N VAL A 55 -1.02 -8.26 5.63
CA VAL A 55 0.07 -9.16 5.28
C VAL A 55 -0.30 -10.58 5.64
N ASN A 56 -1.04 -10.73 6.74
CA ASN A 56 -1.48 -12.05 7.17
C ASN A 56 -2.84 -12.38 6.55
N ASN A 57 -2.90 -12.40 5.23
CA ASN A 57 -4.14 -12.70 4.49
C ASN A 57 -4.25 -14.18 4.16
N LEU A 58 -4.47 -15.01 5.17
CA LEU A 58 -4.57 -16.47 4.99
C LEU A 58 -6.00 -16.89 4.69
N LYS A 59 -6.16 -18.03 4.04
CA LYS A 59 -7.50 -18.55 3.69
C LYS A 59 -8.22 -18.96 4.96
N THR A 60 -7.43 -19.27 5.99
CA THR A 60 -7.96 -19.69 7.28
C THR A 60 -8.39 -18.51 8.17
N ASN A 61 -8.10 -17.30 7.72
CA ASN A 61 -8.41 -16.05 8.42
C ASN A 61 -9.78 -15.53 8.09
N GLU A 62 -10.17 -15.69 6.83
CA GLU A 62 -11.43 -15.18 6.32
C GLU A 62 -12.62 -15.14 7.28
N THR A 63 -12.71 -16.10 8.18
CA THR A 63 -13.82 -16.16 9.13
C THR A 63 -13.58 -15.38 10.44
N THR A 64 -12.37 -14.84 10.59
CA THR A 64 -11.93 -14.05 11.75
C THR A 64 -10.96 -13.01 11.20
N PRO A 65 -11.40 -12.22 10.21
CA PRO A 65 -10.66 -11.17 9.51
C PRO A 65 -9.82 -10.25 10.36
N MET A 66 -10.22 -10.08 11.61
CA MET A 66 -9.47 -9.19 12.47
C MET A 66 -8.02 -9.66 12.62
N GLN A 67 -7.74 -10.92 12.27
CA GLN A 67 -6.40 -11.47 12.42
C GLN A 67 -5.49 -11.19 11.24
N ARG A 68 -6.07 -10.63 10.17
CA ARG A 68 -5.28 -10.34 8.98
C ARG A 68 -4.50 -9.04 9.15
N LEU A 69 -4.97 -8.22 10.08
CA LEU A 69 -4.35 -6.92 10.35
C LEU A 69 -2.95 -6.98 10.98
N CYS A 70 -2.53 -8.17 11.40
CA CYS A 70 -1.22 -8.31 11.99
C CYS A 70 -0.75 -9.75 11.98
N PHE A 71 0.56 -9.94 11.79
CA PHE A 71 1.13 -11.28 11.78
C PHE A 71 1.96 -11.49 13.03
N PRO A 72 2.37 -12.74 13.31
CA PRO A 72 3.14 -12.86 14.55
C PRO A 72 4.55 -13.43 14.48
N VAL A 73 5.22 -13.29 15.61
CA VAL A 73 6.57 -13.78 15.84
C VAL A 73 6.46 -14.57 17.13
N SER A 74 7.34 -15.56 17.34
CA SER A 74 7.27 -16.36 18.55
C SER A 74 8.59 -17.00 18.92
N VAL A 75 8.60 -17.68 20.06
CA VAL A 75 9.82 -18.30 20.50
C VAL A 75 10.17 -19.53 19.70
N GLN A 76 9.15 -20.28 19.26
CA GLN A 76 9.37 -21.49 18.48
C GLN A 76 10.21 -21.27 17.23
N SER A 77 10.07 -20.09 16.64
CA SER A 77 10.83 -19.76 15.44
C SER A 77 12.33 -19.75 15.74
N LYS A 78 13.08 -20.39 14.83
CA LYS A 78 14.53 -20.51 14.94
C LYS A 78 15.25 -19.36 14.25
N THR A 79 16.42 -19.02 14.76
CA THR A 79 17.17 -17.92 14.18
C THR A 79 17.39 -18.17 12.69
N GLY A 80 17.12 -17.16 11.88
CA GLY A 80 17.35 -17.29 10.46
C GLY A 80 16.20 -17.74 9.57
N GLU A 81 15.10 -18.15 10.18
CA GLU A 81 13.98 -18.60 9.36
C GLU A 81 13.13 -17.46 8.86
N LEU A 82 12.49 -17.67 7.71
CA LEU A 82 11.63 -16.66 7.09
C LEU A 82 10.34 -16.46 7.87
N CYS A 83 10.04 -15.21 8.20
CA CYS A 83 8.84 -14.88 8.95
C CYS A 83 7.65 -14.62 8.06
N ALA A 84 7.82 -13.69 7.13
CA ALA A 84 6.75 -13.35 6.20
C ALA A 84 7.35 -12.79 4.94
N ALA A 85 6.52 -12.71 3.91
CA ALA A 85 6.96 -12.18 2.63
C ALA A 85 5.76 -11.79 1.78
N PHE A 86 5.91 -10.68 1.07
CA PHE A 86 4.87 -10.18 0.18
C PHE A 86 5.55 -9.20 -0.76
N ARG A 87 4.93 -8.90 -1.89
CA ARG A 87 5.55 -7.95 -2.79
C ARG A 87 4.90 -6.57 -2.69
N ALA A 88 5.55 -5.57 -3.27
CA ALA A 88 5.06 -4.19 -3.25
C ALA A 88 4.22 -3.84 -4.47
N ASP A 89 3.05 -4.48 -4.58
CA ASP A 89 2.15 -4.31 -5.71
C ASP A 89 0.81 -3.62 -5.39
N PRO A 90 0.84 -2.36 -4.93
CA PRO A 90 -0.37 -1.61 -4.59
C PRO A 90 -1.67 -1.93 -5.37
N GLY A 91 -1.61 -1.81 -6.68
CA GLY A 91 -2.80 -2.07 -7.47
C GLY A 91 -3.33 -3.49 -7.48
N ARG A 92 -2.43 -4.46 -7.61
CA ARG A 92 -2.82 -5.87 -7.66
C ARG A 92 -3.45 -6.41 -6.38
N ASP A 93 -3.94 -7.64 -6.48
CA ASP A 93 -4.58 -8.32 -5.37
C ASP A 93 -3.57 -8.70 -4.32
N GLY A 94 -4.04 -8.95 -3.12
CA GLY A 94 -3.14 -9.32 -2.06
C GLY A 94 -3.27 -8.40 -0.87
N PRO A 95 -2.24 -8.35 -0.03
CA PRO A 95 -2.22 -7.52 1.17
C PRO A 95 -2.56 -6.05 0.92
N TRP A 96 -2.10 -5.51 -0.19
CA TRP A 96 -2.33 -4.11 -0.48
C TRP A 96 -3.77 -3.68 -0.68
N GLN A 97 -4.65 -4.63 -0.96
CA GLN A 97 -6.05 -4.32 -1.15
C GLN A 97 -6.70 -3.67 0.08
N SER A 98 -6.16 -3.94 1.27
CA SER A 98 -6.73 -3.40 2.49
C SER A 98 -6.38 -1.94 2.72
N THR A 99 -5.30 -1.50 2.10
CA THR A 99 -4.82 -0.13 2.23
C THR A 99 -5.64 0.83 1.39
N ILE A 100 -5.65 2.10 1.80
CA ILE A 100 -6.39 3.12 1.08
C ILE A 100 -5.71 3.35 -0.25
N LEU A 101 -4.38 3.18 -0.27
CA LEU A 101 -3.61 3.36 -1.50
C LEU A 101 -4.00 2.37 -2.58
N GLY A 102 -3.94 1.09 -2.24
CA GLY A 102 -4.29 0.07 -3.22
C GLY A 102 -5.70 0.18 -3.76
N GLN A 103 -6.61 0.73 -2.94
CA GLN A 103 -8.01 0.89 -3.34
C GLN A 103 -8.18 2.01 -4.36
N LEU A 104 -7.35 3.04 -4.21
CA LEU A 104 -7.40 4.18 -5.09
C LEU A 104 -6.64 3.88 -6.38
N CYS A 105 -5.68 2.96 -6.31
CA CYS A 105 -4.91 2.61 -7.50
C CYS A 105 -5.80 1.93 -8.53
N ARG A 106 -6.81 1.22 -8.05
CA ARG A 106 -7.73 0.53 -8.93
C ARG A 106 -8.55 1.54 -9.72
N TYR A 107 -8.64 2.77 -9.21
CA TYR A 107 -9.40 3.83 -9.87
C TYR A 107 -8.58 4.52 -10.98
N TYR A 108 -7.38 4.00 -11.25
CA TYR A 108 -6.48 4.53 -12.28
C TYR A 108 -5.81 3.43 -13.11
N THR A 109 -5.23 3.83 -14.24
CA THR A 109 -4.58 2.87 -15.13
C THR A 109 -3.06 2.77 -14.97
N GLN A 110 -2.40 3.90 -14.72
CA GLN A 110 -0.96 3.90 -14.55
C GLN A 110 -0.55 4.62 -13.27
N TRP A 111 0.61 4.27 -12.74
CA TRP A 111 1.13 4.91 -11.55
C TRP A 111 2.60 4.61 -11.32
N SER A 112 3.27 5.47 -10.56
CA SER A 112 4.68 5.30 -10.30
C SER A 112 5.16 6.23 -9.19
N GLY A 113 6.13 5.76 -8.43
CA GLY A 113 6.70 6.54 -7.35
C GLY A 113 7.30 5.65 -6.30
N SER A 114 7.63 6.23 -5.15
CA SER A 114 8.19 5.48 -4.04
C SER A 114 7.07 5.16 -3.04
N LEU A 115 7.32 4.18 -2.19
CA LEU A 115 6.36 3.77 -1.18
C LEU A 115 7.14 3.62 0.11
N GLU A 116 6.45 3.68 1.24
CA GLU A 116 7.15 3.48 2.49
C GLU A 116 6.29 2.56 3.35
N VAL A 117 6.90 1.50 3.85
CA VAL A 117 6.22 0.53 4.68
C VAL A 117 6.75 0.61 6.10
N THR A 118 5.84 0.73 7.04
CA THR A 118 6.22 0.84 8.43
C THR A 118 5.82 -0.41 9.19
N PHE A 119 6.72 -0.89 10.06
CA PHE A 119 6.45 -2.08 10.86
C PHE A 119 6.41 -1.68 12.33
N MET A 120 5.36 -2.10 13.03
CA MET A 120 5.21 -1.77 14.44
C MET A 120 5.18 -3.06 15.27
N PHE A 121 5.94 -3.10 16.37
CA PHE A 121 5.98 -4.29 17.23
C PHE A 121 5.11 -4.05 18.48
N ALA A 122 4.15 -4.95 18.72
CA ALA A 122 3.19 -4.84 19.84
C ALA A 122 3.46 -5.63 21.11
N GLY A 123 4.38 -6.57 21.05
CA GLY A 123 4.69 -7.38 22.21
C GLY A 123 5.17 -6.68 23.48
N SER A 124 5.13 -7.44 24.58
CA SER A 124 5.54 -6.99 25.91
C SER A 124 6.78 -6.13 25.90
N PHE A 125 6.80 -5.14 26.78
CA PHE A 125 7.96 -4.27 26.85
C PHE A 125 9.23 -5.04 27.23
N MET A 126 9.06 -6.23 27.79
CA MET A 126 10.20 -7.04 28.21
C MET A 126 10.85 -7.86 27.11
N ALA A 127 10.23 -7.93 25.93
CA ALA A 127 10.77 -8.71 24.83
C ALA A 127 11.83 -7.96 24.05
N THR A 128 12.76 -8.70 23.45
CA THR A 128 13.83 -8.12 22.66
C THR A 128 14.18 -9.13 21.58
N GLY A 129 14.97 -8.71 20.60
CA GLY A 129 15.35 -9.59 19.51
C GLY A 129 15.54 -8.78 18.24
N LYS A 130 16.05 -9.41 17.19
CA LYS A 130 16.28 -8.69 15.95
C LYS A 130 15.62 -9.38 14.76
N MET A 131 14.94 -8.58 13.94
CA MET A 131 14.31 -9.10 12.73
C MET A 131 15.08 -8.48 11.58
N LEU A 132 15.19 -9.17 10.45
CA LEU A 132 15.89 -8.60 9.29
C LEU A 132 14.87 -8.36 8.19
N ILE A 133 14.76 -7.10 7.75
CA ILE A 133 13.82 -6.73 6.69
C ILE A 133 14.65 -6.59 5.42
N ALA A 134 14.18 -7.16 4.31
CA ALA A 134 14.94 -7.09 3.07
C ALA A 134 14.08 -6.82 1.84
N TYR A 135 14.53 -5.89 1.00
CA TYR A 135 13.83 -5.57 -0.23
C TYR A 135 14.63 -6.13 -1.38
N THR A 136 13.97 -6.99 -2.13
CA THR A 136 14.58 -7.63 -3.28
C THR A 136 14.06 -6.87 -4.49
N PRO A 137 14.93 -6.13 -5.18
CA PRO A 137 14.59 -5.33 -6.36
C PRO A 137 13.84 -6.10 -7.43
N PRO A 138 13.03 -5.40 -8.25
CA PRO A 138 12.25 -6.03 -9.32
C PRO A 138 13.11 -6.85 -10.27
N GLY A 139 12.64 -8.05 -10.62
CA GLY A 139 13.39 -8.93 -11.49
C GLY A 139 14.57 -9.53 -10.77
N GLY A 140 14.41 -9.73 -9.46
CA GLY A 140 15.47 -10.30 -8.65
C GLY A 140 14.97 -11.58 -8.01
N ASN A 141 15.91 -12.47 -7.69
CA ASN A 141 15.57 -13.75 -7.08
C ASN A 141 15.27 -13.56 -5.60
N VAL A 142 14.10 -13.98 -5.17
CA VAL A 142 13.74 -13.87 -3.75
C VAL A 142 14.84 -14.54 -2.90
N PRO A 143 15.29 -13.87 -1.83
CA PRO A 143 16.33 -14.45 -0.97
C PRO A 143 16.01 -15.88 -0.55
N ALA A 144 17.02 -16.72 -0.58
CA ALA A 144 16.85 -18.13 -0.22
C ALA A 144 17.03 -18.37 1.28
N ASP A 145 18.00 -17.69 1.89
CA ASP A 145 18.32 -17.83 3.30
C ASP A 145 18.53 -16.44 3.90
N ARG A 146 18.71 -16.36 5.21
CA ARG A 146 18.92 -15.05 5.83
C ARG A 146 20.18 -14.38 5.31
N ILE A 147 21.25 -15.17 5.20
CA ILE A 147 22.55 -14.68 4.74
C ILE A 147 22.54 -13.98 3.37
N THR A 148 21.79 -14.50 2.40
CA THR A 148 21.76 -13.87 1.08
C THR A 148 20.95 -12.58 1.16
N ALA A 149 19.82 -12.62 1.89
CA ALA A 149 18.97 -11.44 2.05
C ALA A 149 19.81 -10.30 2.60
N MET A 150 20.72 -10.63 3.51
CA MET A 150 21.60 -9.67 4.16
C MET A 150 22.52 -8.95 3.17
N LEU A 151 22.84 -9.64 2.07
CA LEU A 151 23.73 -9.07 1.08
C LEU A 151 23.03 -8.06 0.17
N GLY A 152 21.70 -8.07 0.22
CA GLY A 152 20.93 -7.13 -0.59
C GLY A 152 20.48 -5.97 0.26
N THR A 153 19.59 -5.15 -0.27
CA THR A 153 19.09 -4.01 0.48
C THR A 153 18.34 -4.57 1.70
N HIS A 154 18.79 -4.23 2.91
CA HIS A 154 18.18 -4.74 4.14
C HIS A 154 18.24 -3.80 5.33
N VAL A 155 17.50 -4.16 6.38
CA VAL A 155 17.46 -3.39 7.61
C VAL A 155 17.40 -4.32 8.80
N ILE A 156 18.40 -4.25 9.68
CA ILE A 156 18.40 -5.09 10.89
C ILE A 156 17.57 -4.28 11.89
N TRP A 157 16.42 -4.82 12.27
CA TRP A 157 15.53 -4.15 13.18
C TRP A 157 15.53 -4.81 14.56
N ASP A 158 15.98 -4.06 15.55
CA ASP A 158 16.02 -4.58 16.92
C ASP A 158 14.83 -3.98 17.63
N PHE A 159 13.77 -4.76 17.79
CA PHE A 159 12.57 -4.25 18.46
C PHE A 159 12.73 -4.12 19.95
N GLY A 160 13.95 -4.30 20.43
CA GLY A 160 14.21 -4.12 21.84
C GLY A 160 14.58 -2.66 21.99
N LEU A 161 15.04 -2.06 20.90
CA LEU A 161 15.45 -0.66 20.86
C LEU A 161 14.41 0.26 20.22
N GLN A 162 13.90 -0.13 19.05
CA GLN A 162 12.89 0.66 18.35
C GLN A 162 11.61 -0.16 18.25
N SER A 163 10.49 0.43 18.64
CA SER A 163 9.22 -0.29 18.57
C SER A 163 8.69 -0.25 17.14
N SER A 164 9.27 0.62 16.34
CA SER A 164 8.84 0.77 14.96
C SER A 164 10.01 1.07 14.04
N VAL A 165 9.89 0.66 12.78
CA VAL A 165 10.93 0.91 11.80
C VAL A 165 10.27 1.08 10.44
N THR A 166 10.83 1.95 9.62
CA THR A 166 10.25 2.19 8.31
C THR A 166 11.17 1.86 7.16
N LEU A 167 10.63 1.17 6.15
CA LEU A 167 11.39 0.78 4.97
C LEU A 167 10.87 1.57 3.79
N VAL A 168 11.75 1.87 2.85
CA VAL A 168 11.32 2.62 1.69
C VAL A 168 11.50 1.90 0.38
N VAL A 169 10.41 1.63 -0.32
CA VAL A 169 10.49 1.00 -1.63
C VAL A 169 10.87 2.16 -2.53
N PRO A 170 12.11 2.15 -3.05
CA PRO A 170 12.63 3.19 -3.91
C PRO A 170 11.80 3.53 -5.14
N TRP A 171 11.34 2.51 -5.86
CA TRP A 171 10.57 2.82 -7.06
C TRP A 171 9.78 1.66 -7.63
N ILE A 172 8.56 2.04 -7.99
CA ILE A 172 7.62 1.18 -8.63
C ILE A 172 7.02 1.86 -9.83
N SER A 173 6.61 0.99 -10.82
CA SER A 173 5.91 1.26 -12.02
C SER A 173 4.95 0.09 -12.01
N ASN A 174 4.08 0.00 -13.00
CA ASN A 174 3.08 -1.09 -13.21
C ASN A 174 2.81 -1.20 -14.75
N THR A 175 2.94 -2.45 -15.23
CA THR A 175 2.60 -2.74 -16.60
C THR A 175 1.76 -3.93 -16.66
N HIS A 176 0.54 -3.83 -17.29
CA HIS A 176 -0.38 -4.96 -17.53
C HIS A 176 0.26 -5.78 -18.65
N TYR A 177 0.35 -7.08 -18.37
CA TYR A 177 0.64 -8.13 -19.34
C TYR A 177 -0.10 -9.40 -18.90
N ARG A 178 -0.44 -10.31 -19.83
CA ARG A 178 -1.24 -11.47 -19.41
C ARG A 178 -1.36 -12.72 -20.31
N ALA A 179 -2.59 -12.96 -20.76
CA ALA A 179 -3.13 -14.23 -21.12
C ALA A 179 -2.34 -14.77 -22.30
N ASP A 187 3.22 -15.25 -14.62
CA ASP A 187 3.05 -14.66 -15.95
C ASP A 187 4.46 -14.39 -16.48
N TYR A 188 5.05 -13.28 -16.05
CA TYR A 188 6.38 -12.89 -16.49
C TYR A 188 6.76 -11.62 -15.75
N TYR A 189 5.77 -10.93 -15.22
CA TYR A 189 5.98 -9.71 -14.45
C TYR A 189 6.31 -10.06 -13.00
N THR A 190 7.00 -9.14 -12.33
CA THR A 190 7.39 -9.32 -10.99
C THR A 190 7.99 -7.95 -10.64
N THR A 191 7.46 -7.44 -9.54
CA THR A 191 7.88 -6.22 -8.88
C THR A 191 8.61 -6.71 -7.63
N GLY A 192 9.43 -5.81 -7.02
CA GLY A 192 10.17 -5.97 -5.75
C GLY A 192 9.46 -6.74 -4.62
N ILE A 193 10.23 -7.43 -3.68
CA ILE A 193 9.68 -8.36 -2.70
C ILE A 193 10.26 -8.05 -1.32
N ILE A 194 9.38 -7.77 -0.36
CA ILE A 194 9.83 -7.52 1.00
C ILE A 194 9.84 -8.88 1.69
N THR A 195 10.91 -9.19 2.42
CA THR A 195 11.02 -10.46 3.14
C THR A 195 11.40 -10.14 4.58
N ILE A 196 10.68 -10.72 5.54
CA ILE A 196 11.00 -10.49 6.96
C ILE A 196 11.64 -11.74 7.52
N TRP A 197 12.85 -11.61 8.06
CA TRP A 197 13.57 -12.76 8.60
C TRP A 197 13.84 -12.64 10.08
N TYR A 198 14.07 -13.78 10.73
CA TYR A 198 14.41 -13.79 12.15
C TYR A 198 15.93 -13.73 12.19
N GLN A 199 16.49 -12.62 12.65
CA GLN A 199 17.95 -12.50 12.75
C GLN A 199 18.32 -13.30 14.01
N THR A 200 17.60 -13.01 15.09
CA THR A 200 17.76 -13.70 16.37
C THR A 200 16.39 -14.29 16.70
N ASN A 201 16.32 -15.15 17.70
CA ASN A 201 15.04 -15.72 18.05
C ASN A 201 14.36 -14.72 18.97
N TYR A 202 13.09 -14.98 19.31
CA TYR A 202 12.36 -14.09 20.19
C TYR A 202 12.79 -14.39 21.64
N VAL A 203 13.35 -13.37 22.30
CA VAL A 203 13.82 -13.48 23.68
C VAL A 203 12.86 -12.78 24.61
N VAL A 204 12.53 -13.44 25.71
CA VAL A 204 11.60 -12.88 26.67
C VAL A 204 11.87 -13.53 28.04
N PRO A 205 11.59 -12.80 29.14
CA PRO A 205 11.83 -13.34 30.49
C PRO A 205 10.65 -14.15 30.97
N ILE A 206 10.69 -14.55 32.23
CA ILE A 206 9.58 -15.31 32.76
C ILE A 206 8.47 -14.31 33.03
N GLY A 207 7.24 -14.67 32.69
CA GLY A 207 6.12 -13.76 32.95
C GLY A 207 5.56 -12.99 31.79
N ALA A 208 6.24 -13.10 30.65
CA ALA A 208 5.81 -12.39 29.45
C ALA A 208 5.38 -13.33 28.34
N PRO A 209 4.36 -12.91 27.58
CA PRO A 209 3.82 -13.67 26.46
C PRO A 209 4.94 -14.06 25.53
N THR A 210 4.87 -15.30 25.05
CA THR A 210 5.85 -15.86 24.14
C THR A 210 5.45 -15.76 22.68
N THR A 211 4.44 -14.95 22.41
CA THR A 211 3.94 -14.72 21.07
C THR A 211 3.42 -13.28 21.01
N ALA A 212 4.02 -12.51 20.12
CA ALA A 212 3.66 -11.11 19.95
C ALA A 212 3.33 -10.86 18.50
N TYR A 213 2.77 -9.68 18.21
CA TYR A 213 2.39 -9.35 16.85
C TYR A 213 3.06 -8.11 16.26
N ILE A 214 3.20 -8.11 14.93
CA ILE A 214 3.77 -6.98 14.17
C ILE A 214 2.60 -6.42 13.32
N VAL A 215 2.49 -5.10 13.22
CA VAL A 215 1.44 -4.49 12.40
C VAL A 215 2.14 -3.79 11.26
N ALA A 216 1.62 -3.93 10.04
CA ALA A 216 2.26 -3.30 8.90
C ALA A 216 1.39 -2.22 8.29
N LEU A 217 1.97 -1.03 8.16
CA LEU A 217 1.29 0.10 7.58
C LEU A 217 2.07 0.56 6.36
N ALA A 218 1.38 1.06 5.35
CA ALA A 218 2.06 1.51 4.15
C ALA A 218 1.39 2.72 3.50
N ALA A 219 2.19 3.48 2.76
CA ALA A 219 1.70 4.67 2.09
C ALA A 219 2.62 5.06 0.95
N ALA A 220 2.11 5.89 0.06
CA ALA A 220 2.89 6.35 -1.07
C ALA A 220 3.64 7.58 -0.60
N GLN A 221 4.82 7.81 -1.18
CA GLN A 221 5.59 8.98 -0.82
C GLN A 221 5.13 10.12 -1.70
N ASP A 222 5.83 11.24 -1.63
CA ASP A 222 5.45 12.41 -2.41
C ASP A 222 5.58 12.26 -3.91
N ASN A 223 6.63 11.58 -4.36
CA ASN A 223 6.83 11.39 -5.80
C ASN A 223 5.82 10.45 -6.49
N PHE A 224 4.91 9.89 -5.70
CA PHE A 224 3.90 8.99 -6.25
C PHE A 224 2.85 9.79 -6.99
N THR A 225 2.48 9.29 -8.17
CA THR A 225 1.50 9.94 -9.03
C THR A 225 0.76 8.92 -9.86
N MET A 226 -0.44 9.26 -10.32
CA MET A 226 -1.22 8.33 -11.13
C MET A 226 -1.86 9.07 -12.29
N LYS A 227 -2.22 8.33 -13.34
CA LYS A 227 -2.88 8.92 -14.51
C LYS A 227 -3.86 7.96 -15.17
N LEU A 228 -4.77 8.52 -15.98
CA LEU A 228 -5.80 7.76 -16.70
C LEU A 228 -6.80 7.07 -15.78
N CYS A 229 -7.91 7.75 -15.52
CA CYS A 229 -8.98 7.22 -14.68
C CYS A 229 -9.69 6.03 -15.31
N LYS A 230 -10.30 5.22 -14.47
CA LYS A 230 -11.08 4.08 -14.93
C LYS A 230 -11.84 3.57 -13.72
N ASP A 231 -13.14 3.42 -13.86
CA ASP A 231 -13.96 2.93 -12.77
C ASP A 231 -13.42 1.57 -12.32
N THR A 232 -13.46 1.35 -11.01
CA THR A 232 -12.96 0.12 -10.40
C THR A 232 -13.80 -1.11 -10.69
N GLU A 233 -13.28 -2.24 -10.20
CA GLU A 233 -13.91 -3.53 -10.33
C GLU A 233 -14.14 -4.07 -8.93
N ASP A 234 -13.86 -3.23 -7.93
CA ASP A 234 -14.02 -3.59 -6.53
C ASP A 234 -15.47 -3.73 -6.05
N ILE A 235 -16.42 -3.13 -6.76
CA ILE A 235 -17.82 -3.25 -6.39
C ILE A 235 -18.59 -4.04 -7.45
N GLU A 236 -19.89 -4.21 -7.29
CA GLU A 236 -20.67 -5.00 -8.24
C GLU A 236 -22.07 -4.46 -8.57
#